data_1H89
#
_entry.id   1H89
#
_cell.length_a   62.684
_cell.length_b   73.383
_cell.length_c   161.699
_cell.angle_alpha   90.00
_cell.angle_beta   90.00
_cell.angle_gamma   90.00
#
_symmetry.space_group_name_H-M   'P 21 21 21'
#
loop_
_entity.id
_entity.type
_entity.pdbx_description
1 polymer 'CAAT/ENHANCER BINDING PROTEIN BETA'
2 polymer 'MYB PROTO-ONCOGENE PROTEIN'
3 polymer "DNA(5'-(*GP*AP*TP*GP*TP*GP*GP*CP*GP*CP*AP* AP*TP*CP*CP*TP*TP*AP*AP*CP*GP*GP*AP*CP*TP*G)-3')"
4 polymer "DNA(5'-(*CP*CP*AP*GP*TP*CP*CP*GP*TP*TP*AP* AP*GP*GP*AP*TP*TP*GP*CP*GP*CP*CP*AP*CP*AP*T)-3')"
5 non-polymer 'POTASSIUM ION'
6 water water
#
loop_
_entity_poly.entity_id
_entity_poly.type
_entity_poly.pdbx_seq_one_letter_code
_entity_poly.pdbx_strand_id
1 'polypeptide(L)' EYKIRRERNNIAVRKSRDKAKMRNLETQHKVLELTAENERLQKKVEQLSRELSTLRNLFKQLPE A,B
2 'polypeptide(L)'
;MGHLGKTRWTREEDEKLKKLVEQNGTDDWKVIANYLPNRTDVQCQHRWQKVLNPELIKGPWTKEEDQRVIKLVQKYGPKR
WSVIAKHLKGRIGKQCRERWHNHLNPEVKKTSWTEEEDRIIYQAHKRLGNRWAEIAKLLPGRTDNAIKNHWNSTMRRKV
;
C
3 'polydeoxyribonucleotide'
;(DG)(DA)(DT)(DG)(DT)(DG)(DG)(DC)(DG)(DC)(DA)(DA)(DT)(DC)(DC)(DT)(DT)(DA)(DA)(DC)
(DG)(DG)(DA)(DC)(DT)(DG)
;
D
4 'polydeoxyribonucleotide'
;(DC)(DC)(DA)(DG)(DT)(DC)(DC)(DG)(DT)(DT)(DA)(DA)(DG)(DG)(DA)(DT)(DT)(DG)(DC)(DG)
(DC)(DC)(DA)(DC)(DA)(DT)
;
E
#
loop_
_chem_comp.id
_chem_comp.type
_chem_comp.name
_chem_comp.formula
DA DNA linking 2'-DEOXYADENOSINE-5'-MONOPHOSPHATE 'C10 H14 N5 O6 P'
DC DNA linking 2'-DEOXYCYTIDINE-5'-MONOPHOSPHATE 'C9 H14 N3 O7 P'
DG DNA linking 2'-DEOXYGUANOSINE-5'-MONOPHOSPHATE 'C10 H14 N5 O7 P'
DT DNA linking THYMIDINE-5'-MONOPHOSPHATE 'C10 H15 N2 O8 P'
K non-polymer 'POTASSIUM ION' 'K 1'
#
# COMPACT_ATOMS: atom_id res chain seq x y z
N GLU A 1 -28.89 16.83 -3.13
CA GLU A 1 -28.03 15.63 -3.31
C GLU A 1 -27.50 15.41 -4.73
N TYR A 2 -28.29 14.73 -5.57
CA TYR A 2 -27.86 14.42 -6.94
C TYR A 2 -26.76 15.35 -7.44
N LYS A 3 -27.06 16.64 -7.54
CA LYS A 3 -26.07 17.60 -8.00
C LYS A 3 -24.74 17.46 -7.24
N ILE A 4 -24.79 17.43 -5.92
CA ILE A 4 -23.56 17.30 -5.14
C ILE A 4 -23.00 15.89 -5.25
N ARG A 5 -23.87 14.89 -5.24
CA ARG A 5 -23.43 13.51 -5.37
C ARG A 5 -22.51 13.42 -6.59
N ARG A 6 -23.00 13.92 -7.72
CA ARG A 6 -22.25 13.91 -8.96
C ARG A 6 -20.93 14.66 -8.85
N GLU A 7 -20.98 15.90 -8.38
CA GLU A 7 -19.76 16.68 -8.26
C GLU A 7 -18.70 15.90 -7.48
N ARG A 8 -19.12 15.37 -6.34
CA ARG A 8 -18.26 14.60 -5.46
C ARG A 8 -17.71 13.33 -6.09
N ASN A 9 -18.56 12.62 -6.82
CA ASN A 9 -18.15 11.39 -7.48
C ASN A 9 -17.10 11.71 -8.55
N ASN A 10 -17.42 12.69 -9.38
CA ASN A 10 -16.50 13.09 -10.45
C ASN A 10 -15.10 13.36 -9.92
N ILE A 11 -15.01 13.93 -8.72
CA ILE A 11 -13.70 14.21 -8.14
C ILE A 11 -13.04 12.86 -7.87
N ALA A 12 -13.78 12.00 -7.18
CA ALA A 12 -13.29 10.66 -6.83
C ALA A 12 -12.85 9.92 -8.08
N VAL A 13 -13.64 10.01 -9.14
CA VAL A 13 -13.31 9.33 -10.39
C VAL A 13 -12.03 9.88 -11.00
N ARG A 14 -11.95 11.20 -11.18
CA ARG A 14 -10.74 11.79 -11.75
C ARG A 14 -9.54 11.33 -10.92
N LYS A 15 -9.68 11.41 -9.61
CA LYS A 15 -8.62 11.03 -8.68
C LYS A 15 -8.19 9.58 -8.91
N SER A 16 -9.14 8.66 -8.80
CA SER A 16 -8.86 7.24 -8.99
C SER A 16 -8.14 6.96 -10.30
N ARG A 17 -8.64 7.55 -11.39
CA ARG A 17 -8.03 7.34 -12.70
C ARG A 17 -6.62 7.90 -12.78
N ASP A 18 -6.40 9.05 -12.16
CA ASP A 18 -5.07 9.64 -12.17
C ASP A 18 -4.11 8.65 -11.50
N LYS A 19 -4.40 8.30 -10.25
CA LYS A 19 -3.57 7.37 -9.51
C LYS A 19 -3.14 6.22 -10.42
N ALA A 20 -4.11 5.59 -11.07
CA ALA A 20 -3.83 4.47 -11.96
C ALA A 20 -2.88 4.88 -13.09
N LYS A 21 -3.19 5.99 -13.75
CA LYS A 21 -2.35 6.46 -14.84
C LYS A 21 -0.90 6.62 -14.40
N MET A 22 -0.71 6.98 -13.14
CA MET A 22 0.63 7.17 -12.61
C MET A 22 1.31 5.84 -12.33
N ARG A 23 0.60 4.92 -11.68
CA ARG A 23 1.18 3.63 -11.40
C ARG A 23 1.62 2.94 -12.69
N ASN A 24 0.86 3.14 -13.76
CA ASN A 24 1.18 2.54 -15.05
C ASN A 24 2.33 3.27 -15.73
N LEU A 25 2.58 4.51 -15.30
CA LEU A 25 3.67 5.28 -15.85
C LEU A 25 4.95 4.85 -15.16
N GLU A 26 4.85 4.55 -13.87
CA GLU A 26 6.03 4.11 -13.14
C GLU A 26 6.45 2.77 -13.69
N THR A 27 5.53 1.81 -13.63
CA THR A 27 5.81 0.48 -14.14
C THR A 27 6.42 0.51 -15.53
N GLN A 28 5.95 1.42 -16.38
CA GLN A 28 6.49 1.53 -17.72
C GLN A 28 7.93 2.03 -17.68
N HIS A 29 8.23 2.82 -16.65
CA HIS A 29 9.56 3.38 -16.47
C HIS A 29 10.46 2.31 -15.87
N LYS A 30 10.01 1.72 -14.77
CA LYS A 30 10.76 0.69 -14.08
C LYS A 30 11.20 -0.41 -15.05
N VAL A 31 10.44 -0.60 -16.12
CA VAL A 31 10.79 -1.61 -17.11
C VAL A 31 11.93 -1.09 -17.98
N LEU A 32 11.78 0.12 -18.51
CA LEU A 32 12.84 0.70 -19.34
C LEU A 32 14.19 0.58 -18.64
N GLU A 33 14.29 1.20 -17.47
CA GLU A 33 15.53 1.15 -16.70
C GLU A 33 16.01 -0.29 -16.56
N LEU A 34 15.12 -1.18 -16.14
CA LEU A 34 15.48 -2.59 -15.98
C LEU A 34 15.91 -3.20 -17.30
N THR A 35 15.48 -2.62 -18.41
CA THR A 35 15.84 -3.14 -19.73
C THR A 35 17.19 -2.54 -20.12
N ALA A 36 17.47 -1.36 -19.60
CA ALA A 36 18.72 -0.68 -19.88
C ALA A 36 19.87 -1.43 -19.25
N GLU A 37 19.84 -1.55 -17.93
CA GLU A 37 20.90 -2.22 -17.20
C GLU A 37 21.02 -3.67 -17.69
N ASN A 38 19.88 -4.32 -17.86
CA ASN A 38 19.84 -5.70 -18.32
C ASN A 38 20.66 -5.85 -19.60
N GLU A 39 20.48 -4.90 -20.52
CA GLU A 39 21.21 -4.93 -21.77
C GLU A 39 22.70 -4.72 -21.49
N ARG A 40 22.98 -3.81 -20.57
CA ARG A 40 24.34 -3.48 -20.16
C ARG A 40 25.05 -4.72 -19.61
N LEU A 41 24.43 -5.37 -18.62
CA LEU A 41 24.99 -6.56 -18.01
C LEU A 41 25.23 -7.65 -19.06
N GLN A 42 24.27 -7.81 -19.97
CA GLN A 42 24.41 -8.79 -21.03
C GLN A 42 25.73 -8.56 -21.78
N LYS A 43 26.01 -7.31 -22.10
CA LYS A 43 27.24 -6.97 -22.80
C LYS A 43 28.44 -7.29 -21.94
N LYS A 44 28.40 -6.87 -20.69
CA LYS A 44 29.49 -7.13 -19.75
C LYS A 44 29.76 -8.62 -19.66
N VAL A 45 28.69 -9.42 -19.72
CA VAL A 45 28.85 -10.86 -19.65
C VAL A 45 29.52 -11.36 -20.91
N GLU A 46 29.15 -10.79 -22.05
CA GLU A 46 29.76 -11.19 -23.33
C GLU A 46 31.26 -10.94 -23.27
N GLN A 47 31.63 -9.71 -22.93
CA GLN A 47 33.04 -9.34 -22.83
C GLN A 47 33.82 -10.34 -22.00
N LEU A 48 33.51 -10.40 -20.71
CA LEU A 48 34.20 -11.31 -19.80
C LEU A 48 34.37 -12.71 -20.36
N SER A 49 33.31 -13.26 -20.94
CA SER A 49 33.41 -14.60 -21.50
C SER A 49 34.48 -14.63 -22.56
N ARG A 50 34.38 -13.74 -23.56
CA ARG A 50 35.37 -13.72 -24.62
C ARG A 50 36.76 -13.75 -24.00
N GLU A 51 37.04 -12.77 -23.14
CA GLU A 51 38.34 -12.71 -22.51
C GLU A 51 38.69 -14.04 -21.89
N LEU A 52 37.78 -14.59 -21.08
CA LEU A 52 38.03 -15.89 -20.44
C LEU A 52 38.41 -16.95 -21.43
N SER A 53 37.67 -17.00 -22.53
CA SER A 53 37.92 -17.98 -23.56
C SER A 53 39.31 -17.76 -24.15
N THR A 54 39.52 -16.56 -24.69
CA THR A 54 40.80 -16.20 -25.28
C THR A 54 41.95 -16.54 -24.31
N LEU A 55 41.88 -16.00 -23.09
CA LEU A 55 42.91 -16.27 -22.09
C LEU A 55 43.18 -17.74 -21.93
N ARG A 56 42.13 -18.55 -21.94
CA ARG A 56 42.31 -19.98 -21.76
C ARG A 56 43.00 -20.64 -22.96
N ASN A 57 42.71 -20.19 -24.18
CA ASN A 57 43.38 -20.76 -25.34
C ASN A 57 44.86 -20.53 -25.15
N LEU A 58 45.21 -19.25 -24.98
CA LEU A 58 46.59 -18.86 -24.76
C LEU A 58 47.26 -19.73 -23.71
N PHE A 59 46.54 -20.04 -22.64
CA PHE A 59 47.11 -20.86 -21.59
C PHE A 59 47.30 -22.32 -21.97
N LYS A 60 46.32 -22.92 -22.63
CA LYS A 60 46.45 -24.32 -23.01
C LYS A 60 47.50 -24.47 -24.09
N GLN A 61 47.60 -23.47 -24.96
CA GLN A 61 48.57 -23.50 -26.05
C GLN A 61 49.99 -23.12 -25.63
N LEU A 62 50.21 -22.93 -24.33
CA LEU A 62 51.53 -22.57 -23.84
C LEU A 62 52.56 -23.62 -24.28
N PRO A 63 53.86 -23.28 -24.23
CA PRO A 63 54.95 -24.18 -24.62
C PRO A 63 54.66 -25.65 -24.33
N GLU A 64 54.54 -26.00 -23.06
CA GLU A 64 54.25 -27.36 -22.63
C GLU A 64 54.24 -27.50 -21.12
N GLU B 1 -24.80 9.15 -41.00
CA GLU B 1 -23.82 8.08 -40.65
C GLU B 1 -23.42 8.17 -39.18
N TYR B 2 -23.73 9.30 -38.55
CA TYR B 2 -23.41 9.51 -37.14
C TYR B 2 -23.68 8.25 -36.32
N LYS B 3 -24.88 7.69 -36.46
CA LYS B 3 -25.24 6.48 -35.74
C LYS B 3 -24.14 5.45 -35.97
N ILE B 4 -23.76 5.28 -37.23
CA ILE B 4 -22.71 4.34 -37.60
C ILE B 4 -21.38 4.72 -36.97
N ARG B 5 -21.03 6.01 -37.05
CA ARG B 5 -19.78 6.46 -36.46
C ARG B 5 -19.70 6.00 -35.02
N ARG B 6 -20.77 6.24 -34.26
CA ARG B 6 -20.86 5.85 -32.85
C ARG B 6 -20.67 4.36 -32.66
N GLU B 7 -21.65 3.59 -33.15
CA GLU B 7 -21.60 2.15 -33.04
C GLU B 7 -20.20 1.62 -33.29
N ARG B 8 -19.58 2.08 -34.37
CA ARG B 8 -18.23 1.64 -34.69
C ARG B 8 -17.21 2.08 -33.65
N ASN B 9 -17.31 3.33 -33.21
CA ASN B 9 -16.38 3.85 -32.23
C ASN B 9 -16.47 3.13 -30.88
N ASN B 10 -17.68 2.87 -30.42
CA ASN B 10 -17.86 2.19 -29.14
C ASN B 10 -17.23 0.82 -29.16
N ILE B 11 -17.18 0.21 -30.34
CA ILE B 11 -16.57 -1.10 -30.51
C ILE B 11 -15.06 -0.93 -30.47
N ALA B 12 -14.60 0.14 -31.09
CA ALA B 12 -13.17 0.44 -31.12
C ALA B 12 -12.65 0.74 -29.73
N VAL B 13 -13.41 1.52 -28.98
CA VAL B 13 -13.03 1.92 -27.63
C VAL B 13 -12.87 0.73 -26.70
N ARG B 14 -13.72 -0.27 -26.86
CA ARG B 14 -13.64 -1.45 -26.04
C ARG B 14 -12.40 -2.24 -26.44
N LYS B 15 -12.18 -2.42 -27.74
CA LYS B 15 -11.01 -3.15 -28.20
C LYS B 15 -9.73 -2.47 -27.72
N SER B 16 -9.70 -1.15 -27.88
CA SER B 16 -8.57 -0.35 -27.48
C SER B 16 -8.28 -0.57 -25.99
N ARG B 17 -9.35 -0.57 -25.20
CA ARG B 17 -9.18 -0.75 -23.76
C ARG B 17 -8.80 -2.15 -23.33
N ASP B 18 -9.36 -3.19 -23.96
CA ASP B 18 -8.99 -4.54 -23.58
C ASP B 18 -7.51 -4.70 -23.85
N LYS B 19 -7.08 -4.12 -24.97
CA LYS B 19 -5.70 -4.18 -25.41
C LYS B 19 -4.81 -3.56 -24.33
N ALA B 20 -5.10 -2.33 -23.95
CA ALA B 20 -4.30 -1.65 -22.93
C ALA B 20 -4.31 -2.35 -21.57
N LYS B 21 -5.44 -2.94 -21.21
CA LYS B 21 -5.57 -3.62 -19.93
C LYS B 21 -4.63 -4.83 -19.92
N MET B 22 -4.42 -5.41 -21.10
CA MET B 22 -3.56 -6.57 -21.24
C MET B 22 -2.12 -6.12 -21.21
N ARG B 23 -1.85 -5.08 -21.98
CA ARG B 23 -0.52 -4.51 -22.09
C ARG B 23 0.00 -4.17 -20.69
N ASN B 24 -0.86 -3.56 -19.88
CA ASN B 24 -0.47 -3.20 -18.53
C ASN B 24 -0.15 -4.44 -17.70
N LEU B 25 -0.91 -5.50 -17.89
CA LEU B 25 -0.63 -6.72 -17.14
C LEU B 25 0.69 -7.28 -17.60
N GLU B 26 0.85 -7.42 -18.91
CA GLU B 26 2.07 -7.95 -19.48
C GLU B 26 3.26 -7.15 -18.97
N THR B 27 3.12 -5.83 -18.95
CA THR B 27 4.18 -4.95 -18.49
C THR B 27 4.56 -5.22 -17.03
N GLN B 28 3.57 -5.29 -16.15
CA GLN B 28 3.82 -5.55 -14.74
C GLN B 28 4.61 -6.83 -14.59
N HIS B 29 4.40 -7.77 -15.52
CA HIS B 29 5.11 -9.05 -15.48
C HIS B 29 6.56 -8.91 -15.88
N LYS B 30 6.82 -8.15 -16.94
CA LYS B 30 8.18 -7.96 -17.38
C LYS B 30 9.03 -7.42 -16.25
N VAL B 31 8.45 -6.56 -15.42
CA VAL B 31 9.18 -6.01 -14.29
C VAL B 31 9.71 -7.13 -13.39
N LEU B 32 8.92 -8.18 -13.21
CA LEU B 32 9.34 -9.30 -12.38
C LEU B 32 10.47 -10.04 -13.06
N GLU B 33 10.19 -10.51 -14.28
CA GLU B 33 11.16 -11.25 -15.06
C GLU B 33 12.52 -10.53 -15.08
N LEU B 34 12.54 -9.33 -15.65
CA LEU B 34 13.78 -8.58 -15.72
C LEU B 34 14.51 -8.53 -14.39
N THR B 35 13.84 -8.03 -13.36
CA THR B 35 14.46 -7.94 -12.04
C THR B 35 15.14 -9.25 -11.69
N ALA B 36 14.47 -10.36 -12.01
CA ALA B 36 15.03 -11.68 -11.73
C ALA B 36 16.24 -11.93 -12.62
N GLU B 37 16.07 -11.69 -13.91
CA GLU B 37 17.16 -11.87 -14.86
C GLU B 37 18.33 -11.03 -14.37
N ASN B 38 18.14 -9.72 -14.36
CA ASN B 38 19.16 -8.79 -13.92
C ASN B 38 19.90 -9.28 -12.69
N GLU B 39 19.19 -10.00 -11.82
CA GLU B 39 19.81 -10.51 -10.60
C GLU B 39 20.80 -11.62 -10.94
N ARG B 40 20.38 -12.59 -11.73
CA ARG B 40 21.27 -13.68 -12.07
C ARG B 40 22.47 -13.17 -12.89
N LEU B 41 22.25 -12.18 -13.74
CA LEU B 41 23.34 -11.63 -14.54
C LEU B 41 24.38 -11.00 -13.64
N GLN B 42 23.95 -10.05 -12.81
CA GLN B 42 24.86 -9.37 -11.91
C GLN B 42 25.68 -10.42 -11.17
N LYS B 43 25.07 -11.58 -10.95
CA LYS B 43 25.76 -12.68 -10.29
C LYS B 43 26.82 -13.22 -11.22
N LYS B 44 26.44 -13.51 -12.46
CA LYS B 44 27.37 -14.06 -13.43
C LYS B 44 28.56 -13.14 -13.68
N VAL B 45 28.32 -11.84 -13.76
CA VAL B 45 29.43 -10.93 -13.97
C VAL B 45 30.43 -11.02 -12.82
N GLU B 46 29.92 -11.20 -11.60
CA GLU B 46 30.80 -11.33 -10.44
C GLU B 46 31.65 -12.56 -10.67
N GLN B 47 30.97 -13.70 -10.78
CA GLN B 47 31.61 -14.98 -11.00
C GLN B 47 32.73 -14.87 -12.02
N LEU B 48 32.36 -14.61 -13.28
CA LEU B 48 33.33 -14.49 -14.36
C LEU B 48 34.49 -13.61 -13.96
N SER B 49 34.19 -12.46 -13.36
CA SER B 49 35.25 -11.55 -12.94
C SER B 49 36.24 -12.25 -12.02
N ARG B 50 35.76 -13.16 -11.19
CA ARG B 50 36.64 -13.88 -10.27
C ARG B 50 37.49 -14.85 -11.09
N GLU B 51 36.83 -15.66 -11.90
CA GLU B 51 37.51 -16.64 -12.73
C GLU B 51 38.56 -15.96 -13.59
N LEU B 52 38.23 -14.79 -14.11
CA LEU B 52 39.16 -14.06 -14.95
C LEU B 52 40.37 -13.56 -14.17
N SER B 53 40.11 -12.86 -13.08
CA SER B 53 41.18 -12.33 -12.24
C SER B 53 42.07 -13.45 -11.73
N THR B 54 41.47 -14.61 -11.53
CA THR B 54 42.23 -15.75 -11.06
C THR B 54 43.16 -16.19 -12.19
N LEU B 55 42.58 -16.60 -13.31
CA LEU B 55 43.37 -17.05 -14.46
C LEU B 55 44.50 -16.09 -14.76
N ARG B 56 44.24 -14.79 -14.63
CA ARG B 56 45.27 -13.80 -14.88
C ARG B 56 46.41 -13.98 -13.89
N ASN B 57 46.10 -13.93 -12.61
CA ASN B 57 47.11 -14.09 -11.57
C ASN B 57 47.88 -15.38 -11.79
N LEU B 58 47.20 -16.38 -12.34
CA LEU B 58 47.84 -17.65 -12.60
C LEU B 58 48.95 -17.44 -13.63
N PHE B 59 48.62 -16.78 -14.74
CA PHE B 59 49.61 -16.50 -15.78
C PHE B 59 50.75 -15.73 -15.14
N LYS B 60 50.41 -14.61 -14.51
CA LYS B 60 51.41 -13.75 -13.88
C LYS B 60 52.28 -14.53 -12.88
N GLN B 61 52.01 -15.82 -12.74
CA GLN B 61 52.77 -16.63 -11.81
C GLN B 61 53.72 -17.58 -12.50
N LEU B 62 53.60 -17.68 -13.82
CA LEU B 62 54.50 -18.55 -14.58
C LEU B 62 55.83 -17.85 -14.82
N PRO B 63 56.94 -18.59 -14.69
CA PRO B 63 58.27 -18.02 -14.89
C PRO B 63 58.65 -17.91 -16.37
N GLU B 64 59.44 -16.89 -16.70
CA GLU B 64 59.90 -16.66 -18.07
C GLU B 64 60.45 -17.94 -18.71
N GLN C 43 -37.78 3.84 31.16
CA GLN C 43 -37.64 3.75 29.68
C GLN C 43 -38.19 4.99 29.02
N CYS C 44 -39.31 5.48 29.56
CA CYS C 44 -39.97 6.67 29.02
C CYS C 44 -39.05 7.88 29.02
N GLN C 45 -38.47 8.20 30.18
CA GLN C 45 -37.59 9.36 30.28
C GLN C 45 -36.33 9.20 29.41
N HIS C 46 -35.80 7.99 29.34
CA HIS C 46 -34.60 7.73 28.54
C HIS C 46 -34.87 7.85 27.04
N ARG C 47 -36.09 7.51 26.62
CA ARG C 47 -36.46 7.60 25.21
C ARG C 47 -36.60 9.06 24.78
N TRP C 48 -36.89 9.93 25.74
CA TRP C 48 -37.04 11.35 25.45
C TRP C 48 -35.74 12.14 25.67
N GLN C 49 -35.19 12.02 26.86
CA GLN C 49 -33.96 12.72 27.22
C GLN C 49 -32.79 12.37 26.32
N LYS C 50 -32.78 11.14 25.82
CA LYS C 50 -31.69 10.67 24.97
C LYS C 50 -32.03 10.39 23.50
N VAL C 51 -33.21 10.83 23.05
CA VAL C 51 -33.59 10.59 21.65
C VAL C 51 -34.36 11.73 20.97
N LEU C 52 -35.66 11.81 21.26
CA LEU C 52 -36.53 12.81 20.66
C LEU C 52 -36.08 14.27 20.75
N ASN C 53 -35.45 14.65 21.85
CA ASN C 53 -34.98 16.03 22.01
C ASN C 53 -34.37 16.50 20.68
N PRO C 54 -35.04 17.44 19.99
CA PRO C 54 -34.61 17.99 18.69
C PRO C 54 -33.33 18.84 18.70
N GLU C 55 -32.73 19.00 19.87
CA GLU C 55 -31.51 19.81 19.97
C GLU C 55 -30.25 18.94 20.05
N LEU C 56 -30.44 17.62 19.94
CA LEU C 56 -29.32 16.69 19.99
C LEU C 56 -28.59 16.60 18.66
N ILE C 57 -27.44 17.25 18.57
CA ILE C 57 -26.64 17.20 17.35
C ILE C 57 -26.00 15.83 17.24
N LYS C 58 -26.34 15.09 16.18
CA LYS C 58 -25.78 13.77 15.98
C LYS C 58 -25.03 13.71 14.65
N GLY C 59 -24.53 14.87 14.22
CA GLY C 59 -23.81 14.95 12.96
C GLY C 59 -22.29 14.78 13.08
N PRO C 60 -21.53 15.36 12.14
CA PRO C 60 -20.07 15.29 12.10
C PRO C 60 -19.37 16.18 13.13
N TRP C 61 -18.12 15.86 13.41
CA TRP C 61 -17.34 16.62 14.39
C TRP C 61 -16.42 17.64 13.77
N THR C 62 -16.56 18.89 14.20
CA THR C 62 -15.75 20.00 13.70
C THR C 62 -14.46 20.13 14.52
N LYS C 63 -13.39 20.54 13.86
CA LYS C 63 -12.08 20.70 14.53
C LYS C 63 -12.22 21.38 15.89
N GLU C 64 -13.18 22.29 16.00
CA GLU C 64 -13.41 23.01 17.26
C GLU C 64 -13.99 22.06 18.31
N GLU C 65 -15.08 21.40 17.94
CA GLU C 65 -15.74 20.45 18.81
C GLU C 65 -14.71 19.44 19.30
N ASP C 66 -13.97 18.86 18.36
CA ASP C 66 -12.96 17.88 18.73
C ASP C 66 -11.91 18.55 19.60
N GLN C 67 -11.69 19.83 19.35
CA GLN C 67 -10.67 20.58 20.11
C GLN C 67 -11.04 20.76 21.58
N ARG C 68 -12.28 21.16 21.83
CA ARG C 68 -12.76 21.38 23.18
C ARG C 68 -12.62 20.09 24.00
N VAL C 69 -12.98 18.97 23.39
CA VAL C 69 -12.89 17.67 24.05
C VAL C 69 -11.44 17.30 24.36
N ILE C 70 -10.54 17.55 23.41
CA ILE C 70 -9.13 17.24 23.62
C ILE C 70 -8.52 18.08 24.71
N LYS C 71 -8.95 19.34 24.77
CA LYS C 71 -8.45 20.27 25.77
C LYS C 71 -8.89 19.78 27.14
N LEU C 72 -10.19 19.58 27.29
CA LEU C 72 -10.77 19.11 28.54
C LEU C 72 -10.15 17.79 28.96
N VAL C 73 -10.31 16.76 28.12
CA VAL C 73 -9.77 15.45 28.43
C VAL C 73 -8.29 15.52 28.78
N GLN C 74 -7.59 16.52 28.25
CA GLN C 74 -6.18 16.64 28.53
C GLN C 74 -5.95 17.31 29.88
N LYS C 75 -6.88 18.17 30.26
CA LYS C 75 -6.76 18.88 31.53
C LYS C 75 -7.37 18.14 32.72
N TYR C 76 -8.52 17.52 32.52
CA TYR C 76 -9.19 16.81 33.61
C TYR C 76 -9.21 15.29 33.49
N GLY C 77 -8.59 14.75 32.45
CA GLY C 77 -8.55 13.31 32.27
C GLY C 77 -9.70 12.74 31.43
N PRO C 78 -9.56 11.52 30.90
CA PRO C 78 -10.55 10.84 30.08
C PRO C 78 -11.69 10.20 30.86
N LYS C 79 -12.40 11.00 31.64
CA LYS C 79 -13.50 10.50 32.44
C LYS C 79 -14.53 11.60 32.67
N ARG C 80 -15.58 11.28 33.41
CA ARG C 80 -16.62 12.26 33.70
C ARG C 80 -17.13 12.80 32.36
N TRP C 81 -17.49 11.91 31.46
CA TRP C 81 -17.97 12.31 30.15
C TRP C 81 -19.29 13.07 30.20
N SER C 82 -20.12 12.78 31.19
CA SER C 82 -21.40 13.46 31.32
C SER C 82 -21.12 14.93 31.55
N VAL C 83 -20.14 15.21 32.40
CA VAL C 83 -19.76 16.57 32.71
C VAL C 83 -19.12 17.21 31.49
N ILE C 84 -18.07 16.57 30.98
CA ILE C 84 -17.36 17.08 29.81
C ILE C 84 -18.34 17.43 28.68
N ALA C 85 -19.33 16.57 28.49
CA ALA C 85 -20.33 16.79 27.46
C ALA C 85 -21.04 18.15 27.62
N LYS C 86 -21.28 18.54 28.87
CA LYS C 86 -21.95 19.81 29.14
C LYS C 86 -21.24 20.99 28.48
N HIS C 87 -19.94 20.82 28.23
CA HIS C 87 -19.16 21.86 27.56
C HIS C 87 -19.30 21.76 26.04
N LEU C 88 -20.21 20.92 25.58
CA LEU C 88 -20.43 20.74 24.14
C LEU C 88 -21.90 20.73 23.78
N LYS C 89 -22.35 21.81 23.16
CA LYS C 89 -23.74 21.96 22.76
C LYS C 89 -24.19 20.81 21.85
N GLY C 90 -25.23 20.10 22.27
CA GLY C 90 -25.76 19.01 21.46
C GLY C 90 -25.19 17.63 21.65
N ARG C 91 -23.93 17.53 22.09
CA ARG C 91 -23.31 16.24 22.31
C ARG C 91 -23.53 15.70 23.72
N ILE C 92 -23.77 14.41 23.85
CA ILE C 92 -23.94 13.80 25.17
C ILE C 92 -22.64 13.07 25.50
N GLY C 93 -22.42 12.82 26.78
CA GLY C 93 -21.20 12.16 27.22
C GLY C 93 -20.73 10.97 26.41
N LYS C 94 -21.65 10.07 26.09
CA LYS C 94 -21.32 8.87 25.35
C LYS C 94 -20.65 9.22 24.03
N GLN C 95 -21.22 10.18 23.31
CA GLN C 95 -20.68 10.59 22.03
C GLN C 95 -19.25 11.11 22.18
N CYS C 96 -19.03 11.95 23.18
CA CYS C 96 -17.71 12.50 23.41
C CYS C 96 -16.74 11.38 23.72
N ARG C 97 -17.15 10.48 24.61
CA ARG C 97 -16.29 9.37 24.99
C ARG C 97 -15.89 8.57 23.76
N GLU C 98 -16.87 8.18 22.96
CA GLU C 98 -16.59 7.38 21.77
C GLU C 98 -15.71 8.14 20.78
N ARG C 99 -15.92 9.45 20.69
CA ARG C 99 -15.12 10.26 19.78
C ARG C 99 -13.68 10.34 20.27
N TRP C 100 -13.49 10.40 21.56
CA TRP C 100 -12.13 10.49 22.09
C TRP C 100 -11.39 9.17 21.94
N HIS C 101 -12.02 8.09 22.36
CA HIS C 101 -11.37 6.81 22.29
C HIS C 101 -11.08 6.33 20.87
N ASN C 102 -11.93 6.69 19.92
CA ASN C 102 -11.69 6.23 18.56
C ASN C 102 -10.93 7.19 17.65
N HIS C 103 -11.01 8.49 17.89
CA HIS C 103 -10.34 9.43 17.00
C HIS C 103 -9.37 10.44 17.61
N LEU C 104 -9.75 11.10 18.69
CA LEU C 104 -8.91 12.13 19.28
C LEU C 104 -7.75 11.69 20.19
N ASN C 105 -7.93 10.59 20.91
CA ASN C 105 -6.86 10.13 21.79
C ASN C 105 -5.58 9.96 20.96
N PRO C 106 -4.50 10.64 21.37
CA PRO C 106 -3.21 10.57 20.67
C PRO C 106 -2.66 9.16 20.46
N GLU C 107 -2.86 8.28 21.45
CA GLU C 107 -2.36 6.91 21.36
C GLU C 107 -2.94 6.17 20.14
N VAL C 108 -4.17 6.49 19.76
CA VAL C 108 -4.81 5.83 18.63
C VAL C 108 -4.02 6.00 17.35
N LYS C 109 -3.53 4.89 16.81
CA LYS C 109 -2.76 4.90 15.58
C LYS C 109 -3.68 4.99 14.38
N LYS C 110 -3.32 5.83 13.41
CA LYS C 110 -4.13 5.97 12.20
C LYS C 110 -3.36 5.44 10.98
N THR C 111 -2.35 4.63 11.26
CA THR C 111 -1.50 4.02 10.25
C THR C 111 -2.16 2.83 9.55
N SER C 112 -1.66 2.45 8.38
CA SER C 112 -2.20 1.30 7.65
C SER C 112 -1.92 0.04 8.45
N TRP C 113 -2.84 -0.92 8.37
CA TRP C 113 -2.70 -2.18 9.08
C TRP C 113 -1.52 -3.00 8.57
N THR C 114 -0.61 -3.36 9.48
CA THR C 114 0.56 -4.15 9.09
C THR C 114 0.14 -5.60 8.96
N GLU C 115 1.06 -6.45 8.49
CA GLU C 115 0.76 -7.86 8.32
C GLU C 115 0.82 -8.57 9.67
N GLU C 116 1.72 -8.11 10.53
CA GLU C 116 1.89 -8.66 11.86
C GLU C 116 0.58 -8.55 12.62
N GLU C 117 0.02 -7.36 12.65
CA GLU C 117 -1.23 -7.13 13.34
C GLU C 117 -2.26 -8.12 12.83
N ASP C 118 -2.36 -8.23 11.51
CA ASP C 118 -3.32 -9.16 10.89
C ASP C 118 -3.19 -10.58 11.41
N ARG C 119 -1.95 -11.06 11.48
CA ARG C 119 -1.67 -12.41 11.97
C ARG C 119 -2.23 -12.56 13.38
N ILE C 120 -1.94 -11.57 14.23
CA ILE C 120 -2.40 -11.56 15.62
C ILE C 120 -3.92 -11.61 15.68
N ILE C 121 -4.54 -10.74 14.89
CA ILE C 121 -5.99 -10.67 14.86
C ILE C 121 -6.59 -12.02 14.48
N TYR C 122 -6.19 -12.53 13.30
CA TYR C 122 -6.72 -13.80 12.84
C TYR C 122 -6.50 -14.90 13.86
N GLN C 123 -5.27 -15.00 14.37
CA GLN C 123 -4.95 -16.01 15.36
C GLN C 123 -5.86 -15.86 16.57
N ALA C 124 -5.94 -14.65 17.09
CA ALA C 124 -6.77 -14.38 18.27
C ALA C 124 -8.26 -14.61 18.04
N HIS C 125 -8.74 -14.24 16.86
CA HIS C 125 -10.15 -14.40 16.56
C HIS C 125 -10.57 -15.85 16.52
N LYS C 126 -9.64 -16.73 16.13
CA LYS C 126 -9.91 -18.16 16.07
C LYS C 126 -10.25 -18.63 17.48
N ARG C 127 -9.52 -18.10 18.47
CA ARG C 127 -9.71 -18.43 19.88
C ARG C 127 -10.90 -17.77 20.54
N LEU C 128 -10.88 -16.43 20.54
CA LEU C 128 -11.90 -15.62 21.20
C LEU C 128 -13.18 -15.32 20.45
N GLY C 129 -13.08 -15.15 19.14
CA GLY C 129 -14.26 -14.83 18.36
C GLY C 129 -14.41 -13.33 18.28
N ASN C 130 -15.64 -12.83 18.30
CA ASN C 130 -15.86 -11.40 18.22
C ASN C 130 -15.68 -10.69 19.55
N ARG C 131 -14.57 -10.97 20.21
CA ARG C 131 -14.29 -10.33 21.49
C ARG C 131 -13.28 -9.24 21.17
N TRP C 132 -13.77 -8.26 20.42
CA TRP C 132 -12.99 -7.12 19.97
C TRP C 132 -12.23 -6.46 21.10
N ALA C 133 -12.93 -6.16 22.19
CA ALA C 133 -12.30 -5.53 23.33
C ALA C 133 -11.11 -6.36 23.78
N GLU C 134 -11.31 -7.67 23.88
CA GLU C 134 -10.28 -8.59 24.30
C GLU C 134 -9.10 -8.52 23.35
N ILE C 135 -9.37 -8.79 22.08
CA ILE C 135 -8.36 -8.77 21.04
C ILE C 135 -7.62 -7.43 21.02
N ALA C 136 -8.36 -6.35 21.27
CA ALA C 136 -7.79 -5.01 21.26
C ALA C 136 -6.61 -4.86 22.20
N LYS C 137 -6.59 -5.64 23.27
CA LYS C 137 -5.50 -5.58 24.25
C LYS C 137 -4.19 -6.09 23.67
N LEU C 138 -4.28 -6.92 22.64
CA LEU C 138 -3.11 -7.49 22.00
C LEU C 138 -2.47 -6.54 20.99
N LEU C 139 -3.24 -5.56 20.52
CA LEU C 139 -2.72 -4.61 19.55
C LEU C 139 -2.45 -3.24 20.16
N PRO C 140 -1.18 -2.85 20.23
CA PRO C 140 -0.65 -1.59 20.76
C PRO C 140 -1.57 -0.37 20.72
N GLY C 141 -1.76 0.21 19.54
CA GLY C 141 -2.61 1.39 19.45
C GLY C 141 -3.88 1.28 18.63
N ARG C 142 -4.53 0.12 18.70
CA ARG C 142 -5.75 -0.08 17.93
C ARG C 142 -6.96 -0.24 18.85
N THR C 143 -8.05 0.45 18.53
CA THR C 143 -9.25 0.35 19.37
C THR C 143 -10.07 -0.83 18.93
N ASP C 144 -10.86 -1.37 19.86
CA ASP C 144 -11.71 -2.49 19.55
C ASP C 144 -12.50 -2.22 18.26
N ASN C 145 -12.97 -0.99 18.09
CA ASN C 145 -13.75 -0.61 16.92
C ASN C 145 -12.93 -0.76 15.64
N ALA C 146 -11.67 -0.38 15.70
CA ALA C 146 -10.79 -0.49 14.55
C ALA C 146 -10.73 -1.94 14.09
N ILE C 147 -10.42 -2.85 15.02
CA ILE C 147 -10.36 -4.25 14.67
C ILE C 147 -11.72 -4.69 14.12
N LYS C 148 -12.79 -4.43 14.87
CA LYS C 148 -14.13 -4.81 14.41
C LYS C 148 -14.36 -4.37 12.95
N ASN C 149 -13.90 -3.17 12.62
CA ASN C 149 -14.06 -2.67 11.26
C ASN C 149 -13.13 -3.40 10.32
N HIS C 150 -11.84 -3.41 10.66
CA HIS C 150 -10.83 -4.08 9.85
C HIS C 150 -11.24 -5.51 9.51
N TRP C 151 -11.69 -6.25 10.53
CA TRP C 151 -12.11 -7.61 10.34
C TRP C 151 -13.32 -7.72 9.43
N ASN C 152 -14.37 -6.95 9.73
CA ASN C 152 -15.59 -7.00 8.95
C ASN C 152 -15.49 -6.59 7.46
N SER C 153 -14.39 -5.96 7.08
CA SER C 153 -14.21 -5.56 5.69
C SER C 153 -12.86 -6.10 5.22
N THR C 154 -11.90 -5.19 5.08
CA THR C 154 -10.55 -5.52 4.65
C THR C 154 -10.15 -6.97 4.92
N MET C 155 -10.18 -7.35 6.19
CA MET C 155 -9.77 -8.67 6.63
C MET C 155 -10.53 -9.91 6.19
N ARG C 156 -11.80 -9.79 5.83
CA ARG C 156 -12.51 -11.01 5.47
C ARG C 156 -12.41 -11.45 4.02
N ARG C 157 -11.70 -12.55 3.82
CA ARG C 157 -11.50 -13.16 2.51
C ARG C 157 -12.38 -14.40 2.49
K K F . -23.88 18.92 26.04
K K G . -5.04 -1.12 22.16
#